data_1IPA
#
_entry.id   1IPA
#
_cell.length_a   66.729
_cell.length_b   66.729
_cell.length_c   125.684
_cell.angle_alpha   90.00
_cell.angle_beta   90.00
_cell.angle_gamma   90.00
#
_symmetry.space_group_name_H-M   'P 43 21 2'
#
loop_
_entity.id
_entity.type
_entity.pdbx_description
1 polymer "RNA 2'-O-RIBOSE METHYLTRANSFERASE"
2 water water
#
_entity_poly.entity_id   1
_entity_poly.type   'polypeptide(L)'
_entity_poly.pdbx_seq_one_letter_code
;MRITSTANPRIKELARLLERKHRDSQRRFLIEGAREIERALQAGIELEQALVWEGGLNPEEQQVYAALGRVGRLALLEVS
EAVLKKLSVRDNPAGLIALARMPERTLEEYRPSPDALILVAVGLEKPGNLGAVLRSADAAGAEAVLVAGGVDLYSPQVIR
NSTGVVFSLRTLAASESEVLDWIKQHNLPLVATTPHAEALYWEANLRPPVAIAVGPEHEGLRAAWLEAAQTQVRIPMQGQ
ADSLNVSVSAALLLYEALRQRLLRDRLTKTHSTL
;
_entity_poly.pdbx_strand_id   A
#
# COMPACT_ATOMS: atom_id res chain seq x y z
N MET A 1 21.60 10.78 -24.58
CA MET A 1 22.81 10.04 -24.12
C MET A 1 22.85 10.02 -22.60
N ARG A 2 23.61 10.96 -22.04
CA ARG A 2 23.76 11.08 -20.59
C ARG A 2 23.11 12.39 -20.19
N ILE A 3 21.99 12.30 -19.47
CA ILE A 3 21.24 13.47 -19.04
C ILE A 3 21.57 13.79 -17.58
N THR A 4 22.20 14.94 -17.38
CA THR A 4 22.60 15.36 -16.04
C THR A 4 21.88 16.61 -15.56
N SER A 5 21.20 17.29 -16.47
CA SER A 5 20.49 18.51 -16.12
C SER A 5 19.02 18.26 -15.79
N THR A 6 18.59 18.79 -14.67
CA THR A 6 17.21 18.63 -14.23
C THR A 6 16.30 19.49 -15.10
N ALA A 7 16.90 20.40 -15.87
CA ALA A 7 16.17 21.30 -16.75
C ALA A 7 15.88 20.62 -18.08
N ASN A 8 16.55 19.50 -18.32
CA ASN A 8 16.36 18.74 -19.56
C ASN A 8 14.85 18.48 -19.73
N PRO A 9 14.29 18.89 -20.87
CA PRO A 9 12.86 18.72 -21.15
C PRO A 9 12.29 17.33 -20.86
N ARG A 10 13.10 16.30 -21.09
CA ARG A 10 12.64 14.94 -20.82
C ARG A 10 12.45 14.75 -19.32
N ILE A 11 13.35 15.34 -18.55
CA ILE A 11 13.29 15.24 -17.10
C ILE A 11 12.17 16.11 -16.53
N LYS A 12 11.86 17.21 -17.21
CA LYS A 12 10.78 18.07 -16.74
C LYS A 12 9.45 17.37 -16.94
N GLU A 13 9.36 16.56 -17.99
CA GLU A 13 8.14 15.82 -18.28
C GLU A 13 7.93 14.70 -17.27
N LEU A 14 9.00 14.01 -16.91
CA LEU A 14 8.89 12.92 -15.94
C LEU A 14 8.60 13.44 -14.52
N ALA A 15 9.17 14.59 -14.17
CA ALA A 15 8.96 15.18 -12.84
C ALA A 15 7.49 15.48 -12.55
N ARG A 16 6.73 15.80 -13.59
CA ARG A 16 5.31 16.10 -13.42
C ARG A 16 4.56 14.89 -12.87
N LEU A 17 5.10 13.70 -13.10
CA LEU A 17 4.46 12.49 -12.63
C LEU A 17 4.48 12.36 -11.11
N LEU A 18 5.16 13.29 -10.43
CA LEU A 18 5.18 13.25 -8.97
C LEU A 18 3.84 13.70 -8.41
N GLU A 19 3.06 14.38 -9.25
CA GLU A 19 1.75 14.85 -8.84
C GLU A 19 0.66 13.93 -9.41
N ARG A 20 -0.41 13.70 -8.64
CA ARG A 20 -1.46 12.80 -9.09
C ARG A 20 -2.22 13.13 -10.36
N LYS A 21 -2.68 14.36 -10.51
CA LYS A 21 -3.43 14.74 -11.70
C LYS A 21 -2.68 14.40 -13.00
N HIS A 22 -1.37 14.63 -12.99
CA HIS A 22 -0.53 14.36 -14.15
C HIS A 22 -0.38 12.88 -14.44
N ARG A 23 -0.35 12.06 -13.40
CA ARG A 23 -0.24 10.62 -13.59
C ARG A 23 -1.53 10.10 -14.19
N ASP A 24 -2.65 10.59 -13.67
CA ASP A 24 -3.95 10.13 -14.13
C ASP A 24 -4.28 10.51 -15.57
N SER A 25 -3.98 11.75 -15.95
CA SER A 25 -4.30 12.18 -17.30
C SER A 25 -3.42 11.51 -18.32
N GLN A 26 -2.15 11.29 -17.99
CA GLN A 26 -1.23 10.66 -18.93
C GLN A 26 -1.13 9.15 -18.77
N ARG A 27 -1.80 8.61 -17.76
CA ARG A 27 -1.77 7.17 -17.50
C ARG A 27 -0.36 6.63 -17.38
N ARG A 28 0.49 7.36 -16.68
CA ARG A 28 1.86 6.93 -16.46
C ARG A 28 2.34 7.29 -15.06
N PHE A 29 3.32 6.54 -14.56
CA PHE A 29 3.85 6.79 -13.23
C PHE A 29 5.27 6.24 -13.11
N LEU A 30 6.00 6.79 -12.15
CA LEU A 30 7.39 6.41 -11.92
C LEU A 30 7.49 5.32 -10.89
N ILE A 31 8.47 4.44 -11.08
CA ILE A 31 8.69 3.37 -10.14
C ILE A 31 10.16 3.37 -9.73
N GLU A 32 10.43 3.90 -8.54
CA GLU A 32 11.79 3.98 -7.99
C GLU A 32 12.18 2.73 -7.19
N GLY A 33 13.33 2.15 -7.52
CA GLY A 33 13.79 0.98 -6.80
C GLY A 33 13.74 -0.31 -7.61
N ALA A 34 14.83 -1.06 -7.57
CA ALA A 34 14.94 -2.32 -8.31
C ALA A 34 13.90 -3.36 -7.89
N ARG A 35 13.61 -3.43 -6.59
CA ARG A 35 12.62 -4.42 -6.16
C ARG A 35 11.21 -3.99 -6.54
N GLU A 36 10.89 -2.71 -6.32
CA GLU A 36 9.57 -2.21 -6.70
C GLU A 36 9.35 -2.42 -8.19
N ILE A 37 10.36 -2.08 -8.99
CA ILE A 37 10.26 -2.26 -10.44
C ILE A 37 10.02 -3.73 -10.79
N GLU A 38 10.72 -4.63 -10.10
CA GLU A 38 10.57 -6.05 -10.37
C GLU A 38 9.17 -6.55 -10.05
N ARG A 39 8.67 -6.20 -8.87
CA ARG A 39 7.33 -6.62 -8.48
C ARG A 39 6.31 -6.09 -9.48
N ALA A 40 6.56 -4.93 -10.04
CA ALA A 40 5.65 -4.34 -11.01
C ALA A 40 5.64 -5.19 -12.27
N LEU A 41 6.82 -5.68 -12.66
CA LEU A 41 6.94 -6.53 -13.84
C LEU A 41 6.22 -7.84 -13.57
N GLN A 42 6.40 -8.37 -12.37
CA GLN A 42 5.75 -9.60 -11.95
C GLN A 42 4.22 -9.47 -11.92
N ALA A 43 3.73 -8.24 -11.82
CA ALA A 43 2.28 -7.99 -11.78
C ALA A 43 1.68 -7.70 -13.14
N GLY A 44 2.51 -7.64 -14.17
CA GLY A 44 2.01 -7.38 -15.51
C GLY A 44 2.07 -5.93 -15.96
N ILE A 45 2.65 -5.07 -15.13
CA ILE A 45 2.77 -3.65 -15.47
C ILE A 45 3.79 -3.44 -16.59
N GLU A 46 3.39 -2.74 -17.63
CA GLU A 46 4.27 -2.48 -18.76
C GLU A 46 5.14 -1.26 -18.49
N LEU A 47 6.41 -1.37 -18.84
CA LEU A 47 7.38 -0.29 -18.66
C LEU A 47 7.66 0.35 -20.02
N GLU A 48 7.99 1.62 -20.04
CA GLU A 48 8.30 2.29 -21.31
C GLU A 48 9.76 2.69 -21.37
N GLN A 49 10.33 3.08 -20.23
CA GLN A 49 11.72 3.44 -20.19
C GLN A 49 12.32 3.33 -18.80
N ALA A 50 13.63 3.16 -18.75
CA ALA A 50 14.33 3.04 -17.48
C ALA A 50 15.48 4.01 -17.40
N LEU A 51 15.60 4.69 -16.27
CA LEU A 51 16.70 5.63 -16.07
C LEU A 51 17.72 4.89 -15.22
N VAL A 52 19.00 5.17 -15.48
CA VAL A 52 20.10 4.52 -14.77
C VAL A 52 21.17 5.49 -14.30
N TRP A 53 21.61 5.33 -13.04
CA TRP A 53 22.66 6.16 -12.44
C TRP A 53 23.94 6.01 -13.27
N GLU A 54 24.48 7.14 -13.72
CA GLU A 54 25.70 7.16 -14.51
C GLU A 54 26.85 6.57 -13.68
N GLY A 55 26.71 6.64 -12.36
CA GLY A 55 27.73 6.12 -11.48
C GLY A 55 27.64 4.61 -11.23
N GLY A 56 26.76 3.94 -11.96
CA GLY A 56 26.61 2.50 -11.80
C GLY A 56 25.41 2.06 -10.97
N LEU A 57 25.15 0.76 -11.00
CA LEU A 57 24.02 0.18 -10.26
C LEU A 57 24.53 -0.88 -9.28
N ASN A 58 23.77 -1.14 -8.21
CA ASN A 58 24.19 -2.16 -7.26
C ASN A 58 23.80 -3.51 -7.85
N PRO A 59 24.28 -4.62 -7.24
CA PRO A 59 23.98 -5.98 -7.73
C PRO A 59 22.51 -6.24 -8.06
N GLU A 60 21.64 -5.94 -7.10
CA GLU A 60 20.21 -6.16 -7.30
C GLU A 60 19.70 -5.31 -8.46
N GLU A 61 20.05 -4.04 -8.47
CA GLU A 61 19.63 -3.16 -9.55
C GLU A 61 20.17 -3.66 -10.89
N GLN A 62 21.29 -4.35 -10.83
CA GLN A 62 21.93 -4.88 -12.02
C GLN A 62 21.17 -6.08 -12.60
N GLN A 63 20.69 -6.98 -11.74
CA GLN A 63 19.94 -8.13 -12.22
C GLN A 63 18.55 -7.73 -12.68
N VAL A 64 18.00 -6.65 -12.13
CA VAL A 64 16.68 -6.20 -12.55
C VAL A 64 16.86 -5.52 -13.90
N TYR A 65 17.95 -4.75 -14.01
CA TYR A 65 18.27 -4.05 -15.25
C TYR A 65 18.46 -5.07 -16.36
N ALA A 66 19.16 -6.15 -16.03
CA ALA A 66 19.42 -7.21 -17.00
C ALA A 66 18.11 -7.80 -17.51
N ALA A 67 17.21 -8.13 -16.58
CA ALA A 67 15.92 -8.73 -16.92
C ALA A 67 14.90 -7.75 -17.50
N LEU A 68 15.29 -7.01 -18.53
CA LEU A 68 14.39 -6.06 -19.15
C LEU A 68 14.13 -6.39 -20.62
N LEU A 74 11.95 -0.50 -25.09
CA LEU A 74 12.34 0.04 -23.76
C LEU A 74 13.55 0.96 -23.89
N ALA A 75 13.32 2.26 -23.88
CA ALA A 75 14.41 3.22 -23.99
C ALA A 75 15.08 3.41 -22.63
N LEU A 76 16.41 3.47 -22.63
CA LEU A 76 17.15 3.66 -21.40
C LEU A 76 17.79 5.04 -21.39
N LEU A 77 18.02 5.57 -20.19
CA LEU A 77 18.62 6.89 -20.02
C LEU A 77 19.71 6.86 -18.95
N GLU A 78 20.93 7.15 -19.35
CA GLU A 78 22.02 7.20 -18.39
C GLU A 78 21.79 8.57 -17.77
N VAL A 79 21.56 8.60 -16.46
CA VAL A 79 21.25 9.83 -15.78
C VAL A 79 22.15 10.18 -14.60
N SER A 80 22.14 11.46 -14.21
CA SER A 80 22.94 11.94 -13.09
C SER A 80 22.16 11.83 -11.78
N GLU A 81 22.89 11.97 -10.67
CA GLU A 81 22.30 11.87 -9.34
C GLU A 81 21.28 12.99 -9.09
N ALA A 82 21.61 14.20 -9.51
CA ALA A 82 20.72 15.33 -9.33
C ALA A 82 19.37 15.10 -10.03
N VAL A 83 19.41 14.39 -11.14
CA VAL A 83 18.20 14.09 -11.90
C VAL A 83 17.37 13.00 -11.21
N LEU A 84 18.02 11.92 -10.77
CA LEU A 84 17.30 10.86 -10.08
C LEU A 84 16.66 11.41 -8.80
N LYS A 85 17.39 12.31 -8.14
CA LYS A 85 16.92 12.93 -6.91
C LYS A 85 15.70 13.77 -7.20
N LYS A 86 15.65 14.35 -8.39
CA LYS A 86 14.53 15.17 -8.80
C LYS A 86 13.28 14.32 -8.96
N LEU A 87 13.46 13.08 -9.43
CA LEU A 87 12.36 12.15 -9.63
C LEU A 87 12.14 11.27 -8.39
N SER A 88 13.03 11.37 -7.42
CA SER A 88 12.98 10.56 -6.21
C SER A 88 12.11 11.10 -5.08
N VAL A 89 11.67 10.19 -4.23
CA VAL A 89 10.85 10.56 -3.08
C VAL A 89 11.54 10.02 -1.82
N ARG A 90 12.82 9.70 -1.95
CA ARG A 90 13.63 9.18 -0.86
C ARG A 90 14.75 10.16 -0.50
N ASP A 91 15.38 9.96 0.66
CA ASP A 91 16.49 10.83 1.07
C ASP A 91 17.63 10.54 0.09
N ASN A 92 17.86 9.25 -0.15
CA ASN A 92 18.89 8.79 -1.08
C ASN A 92 18.18 7.98 -2.18
N PRO A 93 18.10 8.54 -3.40
CA PRO A 93 17.45 7.89 -4.55
C PRO A 93 18.08 6.60 -5.06
N ALA A 94 17.23 5.74 -5.64
CA ALA A 94 17.70 4.48 -6.20
C ALA A 94 18.52 4.81 -7.44
N GLY A 95 19.21 3.81 -7.98
CA GLY A 95 20.00 4.05 -9.17
C GLY A 95 19.21 3.66 -10.40
N LEU A 96 18.03 3.11 -10.16
CA LEU A 96 17.16 2.66 -11.23
C LEU A 96 15.72 3.09 -10.99
N ILE A 97 15.21 3.93 -11.88
CA ILE A 97 13.84 4.42 -11.81
C ILE A 97 13.20 4.16 -13.17
N ALA A 98 11.98 3.64 -13.18
CA ALA A 98 11.33 3.35 -14.44
C ALA A 98 10.08 4.16 -14.67
N LEU A 99 9.69 4.26 -15.94
CA LEU A 99 8.47 4.94 -16.32
C LEU A 99 7.52 3.80 -16.63
N ALA A 100 6.37 3.79 -15.98
CA ALA A 100 5.41 2.73 -16.21
C ALA A 100 4.09 3.22 -16.76
N ARG A 101 3.38 2.31 -17.43
CA ARG A 101 2.06 2.58 -17.99
C ARG A 101 1.04 2.23 -16.92
N MET A 102 0.14 3.14 -16.59
CA MET A 102 -0.88 2.86 -15.59
C MET A 102 -1.78 1.73 -16.11
N PRO A 103 -1.73 0.56 -15.48
CA PRO A 103 -2.47 -0.66 -15.79
C PRO A 103 -3.93 -0.51 -16.22
N GLU A 104 -4.46 -1.58 -16.82
CA GLU A 104 -5.83 -1.63 -17.29
C GLU A 104 -6.77 -1.91 -16.12
N ARG A 105 -7.02 -0.87 -15.34
CA ARG A 105 -7.90 -0.94 -14.17
C ARG A 105 -9.10 -1.86 -14.41
N THR A 106 -8.95 -3.13 -14.02
CA THR A 106 -10.00 -4.13 -14.17
C THR A 106 -11.09 -3.93 -13.12
N LEU A 107 -12.32 -3.79 -13.57
CA LEU A 107 -13.46 -3.57 -12.69
C LEU A 107 -14.08 -4.86 -12.16
N GLU A 108 -13.25 -5.88 -11.96
CA GLU A 108 -13.74 -7.16 -11.44
C GLU A 108 -14.21 -7.00 -10.00
N GLU A 109 -15.32 -7.65 -9.66
CA GLU A 109 -15.86 -7.56 -8.32
C GLU A 109 -15.20 -8.58 -7.41
N TYR A 110 -15.32 -8.34 -6.11
CA TYR A 110 -14.71 -9.20 -5.11
C TYR A 110 -15.67 -9.80 -4.09
N ARG A 111 -15.52 -11.09 -3.83
CA ARG A 111 -16.31 -11.81 -2.85
C ARG A 111 -15.35 -12.62 -1.99
N PRO A 112 -15.37 -12.37 -0.68
CA PRO A 112 -14.48 -13.07 0.27
C PRO A 112 -14.55 -14.59 0.19
N SER A 113 -13.37 -15.22 0.18
CA SER A 113 -13.30 -16.67 0.13
C SER A 113 -13.40 -17.20 1.56
N PRO A 114 -13.65 -18.50 1.74
CA PRO A 114 -13.76 -19.11 3.07
C PRO A 114 -12.52 -18.97 3.97
N ASP A 115 -11.42 -18.49 3.40
CA ASP A 115 -10.18 -18.29 4.15
C ASP A 115 -9.86 -16.80 4.23
N ALA A 116 -10.83 -15.97 3.87
CA ALA A 116 -10.66 -14.52 3.83
C ALA A 116 -10.26 -13.74 5.08
N LEU A 117 -9.07 -13.16 5.05
CA LEU A 117 -8.59 -12.32 6.14
C LEU A 117 -8.59 -10.92 5.53
N ILE A 118 -9.52 -10.08 5.98
CA ILE A 118 -9.68 -8.75 5.45
C ILE A 118 -9.37 -7.63 6.43
N LEU A 119 -8.62 -6.63 5.97
CA LEU A 119 -8.29 -5.49 6.81
C LEU A 119 -9.08 -4.29 6.34
N VAL A 120 -9.85 -3.68 7.22
CA VAL A 120 -10.61 -2.49 6.86
C VAL A 120 -9.94 -1.29 7.53
N ALA A 121 -9.38 -0.40 6.74
CA ALA A 121 -8.72 0.78 7.28
C ALA A 121 -9.63 1.99 7.14
N VAL A 122 -9.88 2.65 8.26
CA VAL A 122 -10.77 3.82 8.31
C VAL A 122 -10.00 5.09 8.63
N GLY A 123 -10.26 6.15 7.86
CA GLY A 123 -9.60 7.43 8.09
C GLY A 123 -8.15 7.44 7.66
N LEU A 124 -7.80 6.52 6.77
CA LEU A 124 -6.42 6.42 6.26
C LEU A 124 -6.30 7.31 5.03
N GLU A 125 -5.69 8.48 5.20
CA GLU A 125 -5.54 9.44 4.12
C GLU A 125 -4.11 9.69 3.64
N LYS A 126 -3.13 9.36 4.48
CA LYS A 126 -1.74 9.58 4.11
C LYS A 126 -1.14 8.43 3.31
N PRO A 127 -0.75 8.71 2.06
CA PRO A 127 -0.14 7.75 1.12
C PRO A 127 0.99 6.95 1.75
N GLY A 128 1.80 7.60 2.58
CA GLY A 128 2.89 6.92 3.24
C GLY A 128 2.30 5.87 4.17
N ASN A 129 1.30 6.27 4.95
CA ASN A 129 0.62 5.36 5.89
C ASN A 129 -0.06 4.24 5.13
N LEU A 130 -0.72 4.61 4.03
CA LEU A 130 -1.41 3.62 3.21
C LEU A 130 -0.44 2.53 2.78
N GLY A 131 0.72 2.94 2.30
CA GLY A 131 1.72 2.00 1.85
C GLY A 131 2.23 1.10 2.96
N ALA A 132 2.53 1.69 4.12
CA ALA A 132 3.04 0.90 5.25
C ALA A 132 1.99 -0.14 5.66
N VAL A 133 0.72 0.27 5.69
CA VAL A 133 -0.38 -0.62 6.04
C VAL A 133 -0.51 -1.78 5.07
N LEU A 134 -0.38 -1.51 3.78
CA LEU A 134 -0.47 -2.56 2.74
C LEU A 134 0.65 -3.57 2.90
N ARG A 135 1.81 -3.08 3.32
CA ARG A 135 2.97 -3.93 3.53
C ARG A 135 2.70 -4.90 4.69
N SER A 136 2.12 -4.38 5.77
CA SER A 136 1.80 -5.22 6.93
C SER A 136 0.71 -6.23 6.57
N ALA A 137 -0.29 -5.80 5.82
CA ALA A 137 -1.38 -6.68 5.42
C ALA A 137 -0.87 -7.79 4.49
N ASP A 138 0.08 -7.45 3.63
CA ASP A 138 0.64 -8.43 2.70
C ASP A 138 1.46 -9.49 3.43
N ALA A 139 2.28 -9.03 4.37
CA ALA A 139 3.13 -9.92 5.14
C ALA A 139 2.32 -10.91 5.96
N ALA A 140 1.23 -10.43 6.54
CA ALA A 140 0.37 -11.27 7.37
C ALA A 140 -0.47 -12.22 6.53
N GLY A 141 -0.62 -11.90 5.24
CA GLY A 141 -1.38 -12.76 4.36
C GLY A 141 -2.82 -12.35 4.12
N ALA A 142 -3.16 -11.10 4.43
CA ALA A 142 -4.52 -10.64 4.21
C ALA A 142 -4.93 -10.89 2.75
N GLU A 143 -6.21 -11.13 2.54
CA GLU A 143 -6.74 -11.36 1.21
C GLU A 143 -7.07 -10.03 0.55
N ALA A 144 -7.37 -9.03 1.36
CA ALA A 144 -7.70 -7.73 0.81
C ALA A 144 -7.67 -6.65 1.87
N VAL A 145 -7.50 -5.42 1.41
CA VAL A 145 -7.49 -4.27 2.30
C VAL A 145 -8.58 -3.35 1.80
N LEU A 146 -9.59 -3.14 2.62
CA LEU A 146 -10.66 -2.26 2.20
C LEU A 146 -10.43 -0.94 2.89
N VAL A 147 -10.19 0.09 2.08
CA VAL A 147 -9.95 1.42 2.59
C VAL A 147 -11.22 2.26 2.52
N ALA A 148 -11.69 2.72 3.67
CA ALA A 148 -12.88 3.54 3.73
C ALA A 148 -12.45 5.00 3.60
N GLY A 149 -12.27 5.47 2.37
CA GLY A 149 -11.88 6.86 2.19
C GLY A 149 -10.84 7.23 1.13
N GLY A 150 -11.10 6.89 -0.13
CA GLY A 150 -10.16 7.25 -1.18
C GLY A 150 -8.78 6.63 -1.12
N VAL A 151 -8.28 6.26 -2.29
CA VAL A 151 -6.97 5.63 -2.41
C VAL A 151 -6.27 6.03 -3.72
N ASP A 152 -4.94 6.05 -3.73
CA ASP A 152 -4.17 6.38 -4.92
C ASP A 152 -3.12 5.30 -5.04
N LEU A 153 -3.38 4.28 -5.85
CA LEU A 153 -2.48 3.15 -6.00
C LEU A 153 -1.18 3.41 -6.79
N TYR A 154 -1.04 4.57 -7.41
CA TYR A 154 0.17 4.81 -8.18
C TYR A 154 1.09 5.90 -7.67
N SER A 155 0.79 6.47 -6.51
CA SER A 155 1.61 7.53 -5.97
C SER A 155 2.98 6.99 -5.57
N PRO A 156 4.00 7.84 -5.64
CA PRO A 156 5.35 7.41 -5.27
C PRO A 156 5.47 6.97 -3.81
N GLN A 157 4.78 7.63 -2.89
CA GLN A 157 4.88 7.25 -1.48
C GLN A 157 4.16 5.95 -1.15
N VAL A 158 3.04 5.67 -1.81
CA VAL A 158 2.33 4.43 -1.57
C VAL A 158 3.20 3.28 -2.07
N ILE A 159 3.85 3.51 -3.21
CA ILE A 159 4.73 2.51 -3.79
C ILE A 159 5.97 2.24 -2.93
N ARG A 160 6.62 3.27 -2.44
CA ARG A 160 7.81 3.04 -1.61
C ARG A 160 7.46 2.44 -0.25
N ASN A 161 6.51 3.01 0.47
CA ASN A 161 6.16 2.49 1.79
C ASN A 161 5.54 1.10 1.79
N SER A 162 5.04 0.65 0.63
CA SER A 162 4.47 -0.67 0.53
C SER A 162 5.51 -1.60 -0.07
N THR A 163 6.67 -1.04 -0.38
CA THR A 163 7.76 -1.77 -1.02
C THR A 163 7.26 -2.49 -2.28
N GLY A 164 6.34 -1.86 -3.01
CA GLY A 164 5.83 -2.45 -4.24
C GLY A 164 4.67 -3.42 -4.13
N VAL A 165 4.30 -3.75 -2.91
CA VAL A 165 3.20 -4.67 -2.64
C VAL A 165 1.86 -4.18 -3.20
N VAL A 166 1.73 -2.88 -3.43
CA VAL A 166 0.49 -2.31 -3.98
C VAL A 166 0.13 -2.85 -5.36
N PHE A 167 1.13 -3.33 -6.09
CA PHE A 167 0.91 -3.87 -7.43
C PHE A 167 0.24 -5.24 -7.42
N SER A 168 0.12 -5.86 -6.25
CA SER A 168 -0.47 -7.18 -6.15
C SER A 168 -1.54 -7.42 -5.06
N LEU A 169 -1.50 -6.65 -3.97
CA LEU A 169 -2.48 -6.81 -2.91
C LEU A 169 -3.81 -6.14 -3.22
N ARG A 170 -4.88 -6.94 -3.27
CA ARG A 170 -6.22 -6.39 -3.56
C ARG A 170 -6.54 -5.28 -2.57
N THR A 171 -6.51 -4.05 -3.07
CA THR A 171 -6.78 -2.87 -2.24
C THR A 171 -7.93 -2.09 -2.85
N LEU A 172 -9.03 -1.99 -2.11
CA LEU A 172 -10.21 -1.27 -2.58
C LEU A 172 -10.64 -0.11 -1.70
N ALA A 173 -11.29 0.86 -2.31
CA ALA A 173 -11.78 2.03 -1.60
C ALA A 173 -13.29 2.17 -1.81
N ALA A 174 -13.92 2.91 -0.91
CA ALA A 174 -15.36 3.17 -0.97
C ALA A 174 -15.71 3.95 0.29
N SER A 175 -16.91 4.53 0.31
CA SER A 175 -17.33 5.30 1.47
C SER A 175 -17.57 4.36 2.64
N GLU A 176 -17.49 4.89 3.85
CA GLU A 176 -17.70 4.09 5.04
C GLU A 176 -19.03 3.35 4.94
N SER A 177 -20.09 4.05 4.55
CA SER A 177 -21.41 3.44 4.41
C SER A 177 -21.38 2.31 3.39
N GLU A 178 -20.70 2.56 2.27
CA GLU A 178 -20.59 1.58 1.21
C GLU A 178 -19.85 0.32 1.66
N VAL A 179 -18.76 0.51 2.41
CA VAL A 179 -17.97 -0.60 2.91
C VAL A 179 -18.76 -1.37 3.96
N LEU A 180 -19.45 -0.64 4.83
CA LEU A 180 -20.26 -1.28 5.87
C LEU A 180 -21.40 -2.10 5.27
N ASP A 181 -22.05 -1.56 4.24
CA ASP A 181 -23.14 -2.28 3.59
C ASP A 181 -22.56 -3.51 2.91
N TRP A 182 -21.32 -3.39 2.44
CA TRP A 182 -20.67 -4.51 1.77
C TRP A 182 -20.44 -5.66 2.75
N ILE A 183 -19.90 -5.33 3.93
CA ILE A 183 -19.62 -6.32 4.97
C ILE A 183 -20.87 -7.15 5.25
N LYS A 184 -21.96 -6.46 5.60
CA LYS A 184 -23.21 -7.13 5.90
C LYS A 184 -23.78 -7.89 4.71
N GLN A 185 -23.50 -7.38 3.51
CA GLN A 185 -23.97 -8.01 2.28
C GLN A 185 -23.45 -9.44 2.17
N HIS A 186 -22.25 -9.68 2.70
CA HIS A 186 -21.65 -11.01 2.64
C HIS A 186 -21.63 -11.70 3.99
N ASN A 187 -22.42 -11.21 4.93
CA ASN A 187 -22.47 -11.77 6.28
C ASN A 187 -21.05 -12.02 6.77
N LEU A 188 -20.21 -11.01 6.64
CA LEU A 188 -18.82 -11.11 7.05
C LEU A 188 -18.62 -10.62 8.48
N PRO A 189 -18.25 -11.52 9.40
CA PRO A 189 -18.05 -11.08 10.79
C PRO A 189 -17.04 -9.94 10.85
N LEU A 190 -17.32 -8.96 11.71
CA LEU A 190 -16.46 -7.80 11.84
C LEU A 190 -15.98 -7.60 13.27
N VAL A 191 -14.67 -7.38 13.40
CA VAL A 191 -14.03 -7.13 14.70
C VAL A 191 -13.51 -5.70 14.65
N ALA A 192 -14.00 -4.84 15.52
CA ALA A 192 -13.57 -3.45 15.52
C ALA A 192 -12.55 -3.19 16.63
N THR A 193 -11.51 -2.43 16.30
CA THR A 193 -10.46 -2.10 17.24
C THR A 193 -10.75 -0.74 17.88
N THR A 194 -10.70 -0.68 19.21
CA THR A 194 -10.93 0.55 19.95
C THR A 194 -10.16 0.49 21.26
N PRO A 195 -9.63 1.63 21.71
CA PRO A 195 -8.87 1.66 22.97
C PRO A 195 -9.76 1.45 24.21
N HIS A 196 -11.06 1.66 24.06
CA HIS A 196 -11.94 1.46 25.22
C HIS A 196 -12.69 0.14 25.27
N ALA A 197 -12.29 -0.81 24.43
CA ALA A 197 -12.92 -2.13 24.43
C ALA A 197 -12.39 -2.87 25.64
N GLU A 198 -13.22 -3.73 26.22
CA GLU A 198 -12.83 -4.50 27.39
C GLU A 198 -11.99 -5.71 27.02
N ALA A 199 -12.35 -6.36 25.92
CA ALA A 199 -11.63 -7.54 25.47
C ALA A 199 -10.33 -7.19 24.75
N LEU A 200 -9.29 -7.95 25.06
CA LEU A 200 -7.98 -7.77 24.45
C LEU A 200 -8.11 -8.44 23.08
N TYR A 201 -7.33 -7.96 22.12
CA TYR A 201 -7.41 -8.51 20.78
C TYR A 201 -7.09 -10.00 20.68
N TRP A 202 -6.28 -10.50 21.61
CA TRP A 202 -5.93 -11.93 21.61
C TRP A 202 -7.11 -12.82 21.91
N GLU A 203 -8.14 -12.27 22.54
CA GLU A 203 -9.31 -13.04 22.92
C GLU A 203 -10.37 -13.17 21.84
N ALA A 204 -10.27 -12.34 20.81
CA ALA A 204 -11.23 -12.41 19.73
C ALA A 204 -10.95 -13.67 18.92
N ASN A 205 -11.96 -14.16 18.21
CA ASN A 205 -11.86 -15.35 17.38
C ASN A 205 -11.64 -14.88 15.94
N LEU A 206 -10.41 -14.96 15.46
CA LEU A 206 -10.11 -14.51 14.12
C LEU A 206 -10.14 -15.62 13.06
N ARG A 207 -11.13 -16.50 13.16
CA ARG A 207 -11.31 -17.60 12.23
C ARG A 207 -11.38 -17.08 10.79
N PRO A 208 -10.59 -17.68 9.88
CA PRO A 208 -10.44 -17.39 8.46
C PRO A 208 -11.39 -16.41 7.77
N PRO A 209 -12.71 -16.60 7.87
CA PRO A 209 -13.56 -15.62 7.19
C PRO A 209 -13.82 -14.47 8.15
N VAL A 210 -13.10 -13.36 8.03
CA VAL A 210 -13.30 -12.25 8.97
C VAL A 210 -12.72 -10.90 8.53
N ALA A 211 -13.33 -9.81 8.98
CA ALA A 211 -12.88 -8.46 8.66
C ALA A 211 -12.49 -7.72 9.93
N ILE A 212 -11.35 -7.04 9.90
CA ILE A 212 -10.86 -6.30 11.05
C ILE A 212 -10.69 -4.83 10.70
N ALA A 213 -11.41 -3.97 11.42
CA ALA A 213 -11.35 -2.55 11.19
C ALA A 213 -10.42 -1.84 12.17
N VAL A 214 -9.75 -0.80 11.67
CA VAL A 214 -8.86 0.02 12.48
C VAL A 214 -9.07 1.47 12.04
N GLY A 215 -9.09 2.40 12.99
CA GLY A 215 -9.30 3.79 12.64
C GLY A 215 -7.99 4.55 12.62
N PRO A 216 -8.04 5.89 12.55
CA PRO A 216 -6.81 6.70 12.52
C PRO A 216 -6.10 6.47 13.84
N GLU A 217 -4.79 6.73 13.89
CA GLU A 217 -4.06 6.52 15.14
C GLU A 217 -4.39 7.56 16.21
N HIS A 218 -4.77 8.75 15.79
CA HIS A 218 -5.11 9.81 16.72
C HIS A 218 -6.62 9.88 16.96
N GLU A 219 -7.33 8.79 16.66
CA GLU A 219 -8.78 8.77 16.83
C GLU A 219 -9.37 7.36 16.82
N GLY A 220 -10.54 7.22 17.44
CA GLY A 220 -11.19 5.93 17.49
C GLY A 220 -12.15 5.76 16.32
N LEU A 221 -12.76 4.59 16.23
CA LEU A 221 -13.71 4.30 15.17
C LEU A 221 -15.06 4.90 15.57
N ARG A 222 -15.76 5.48 14.61
CA ARG A 222 -17.07 6.09 14.87
C ARG A 222 -18.03 5.04 15.40
N ALA A 223 -19.13 5.49 15.98
CA ALA A 223 -20.13 4.58 16.54
C ALA A 223 -20.62 3.61 15.48
N ALA A 224 -20.79 4.10 14.25
CA ALA A 224 -21.26 3.27 13.15
C ALA A 224 -20.50 1.95 13.08
N TRP A 225 -19.18 2.01 13.19
CA TRP A 225 -18.35 0.81 13.12
C TRP A 225 -18.47 -0.07 14.35
N LEU A 226 -18.64 0.55 15.52
CA LEU A 226 -18.74 -0.20 16.77
C LEU A 226 -20.07 -0.93 16.93
N GLU A 227 -21.14 -0.37 16.38
CA GLU A 227 -22.45 -0.99 16.46
C GLU A 227 -22.56 -2.12 15.45
N ALA A 228 -21.79 -2.03 14.37
CA ALA A 228 -21.84 -3.05 13.32
C ALA A 228 -20.94 -4.25 13.61
N ALA A 229 -19.99 -4.10 14.51
CA ALA A 229 -19.06 -5.19 14.82
C ALA A 229 -19.65 -6.30 15.69
N GLN A 230 -19.24 -7.53 15.43
CA GLN A 230 -19.68 -8.68 16.20
C GLN A 230 -18.84 -8.71 17.48
N THR A 231 -17.66 -8.12 17.41
CA THR A 231 -16.76 -8.09 18.55
C THR A 231 -15.93 -6.81 18.52
N GLN A 232 -15.70 -6.24 19.70
CA GLN A 232 -14.89 -5.04 19.82
C GLN A 232 -13.66 -5.44 20.61
N VAL A 233 -12.50 -4.98 20.17
CA VAL A 233 -11.28 -5.40 20.80
C VAL A 233 -10.22 -4.28 20.92
N ARG A 234 -9.26 -4.45 21.81
CA ARG A 234 -8.23 -3.44 21.96
C ARG A 234 -6.82 -4.00 22.00
N ILE A 235 -5.87 -3.15 21.63
CA ILE A 235 -4.45 -3.49 21.64
C ILE A 235 -3.92 -2.82 22.90
N PRO A 236 -3.58 -3.63 23.90
CA PRO A 236 -3.06 -3.10 25.17
C PRO A 236 -1.82 -2.24 25.00
N MET A 237 -1.80 -1.13 25.74
CA MET A 237 -0.68 -0.19 25.73
C MET A 237 -0.10 -0.27 27.14
N GLN A 238 1.17 -0.68 27.25
CA GLN A 238 1.83 -0.85 28.53
C GLN A 238 2.68 0.29 29.07
N GLY A 239 2.86 1.37 28.31
CA GLY A 239 3.69 2.45 28.79
C GLY A 239 3.17 3.87 28.64
N GLN A 240 4.02 4.76 28.12
CA GLN A 240 3.64 6.17 27.93
C GLN A 240 2.86 6.40 26.64
N ALA A 241 3.26 5.72 25.57
CA ALA A 241 2.61 5.89 24.27
C ALA A 241 1.11 5.75 24.42
N ASP A 242 0.37 6.63 23.74
CA ASP A 242 -1.06 6.58 23.81
C ASP A 242 -1.61 5.84 22.59
N SER A 243 -0.76 5.61 21.60
CA SER A 243 -1.19 4.93 20.40
C SER A 243 -0.02 4.44 19.56
N LEU A 244 -0.36 3.74 18.48
CA LEU A 244 0.63 3.20 17.56
C LEU A 244 0.27 3.59 16.14
N ASN A 245 1.28 3.57 15.27
CA ASN A 245 1.10 3.85 13.86
C ASN A 245 0.09 2.79 13.41
N VAL A 246 -0.78 3.14 12.45
CA VAL A 246 -1.78 2.19 11.96
C VAL A 246 -1.16 0.95 11.31
N SER A 247 0.01 1.11 10.68
CA SER A 247 0.65 -0.03 10.04
C SER A 247 1.11 -1.03 11.09
N VAL A 248 1.50 -0.53 12.27
CA VAL A 248 1.92 -1.41 13.35
C VAL A 248 0.71 -2.14 13.93
N SER A 249 -0.39 -1.41 14.13
CA SER A 249 -1.61 -2.02 14.67
C SER A 249 -2.17 -3.10 13.71
N ALA A 250 -2.12 -2.80 12.42
CA ALA A 250 -2.62 -3.72 11.41
C ALA A 250 -1.80 -5.00 11.41
N ALA A 251 -0.50 -4.88 11.65
CA ALA A 251 0.36 -6.06 11.68
C ALA A 251 0.01 -6.92 12.88
N LEU A 252 -0.13 -6.28 14.04
CA LEU A 252 -0.45 -6.99 15.27
C LEU A 252 -1.72 -7.81 15.13
N LEU A 253 -2.82 -7.15 14.76
CA LEU A 253 -4.11 -7.81 14.59
C LEU A 253 -4.06 -8.91 13.54
N LEU A 254 -3.43 -8.61 12.39
CA LEU A 254 -3.35 -9.58 11.31
C LEU A 254 -2.43 -10.78 11.61
N TYR A 255 -1.34 -10.54 12.34
CA TYR A 255 -0.45 -11.65 12.69
C TYR A 255 -1.10 -12.54 13.74
N GLU A 256 -1.96 -11.98 14.58
CA GLU A 256 -2.66 -12.74 15.60
C GLU A 256 -3.69 -13.63 14.89
N ALA A 257 -4.20 -13.16 13.76
CA ALA A 257 -5.16 -13.93 12.99
C ALA A 257 -4.41 -15.11 12.38
N LEU A 258 -3.21 -14.83 11.89
CA LEU A 258 -2.35 -15.84 11.29
C LEU A 258 -1.92 -16.85 12.35
N ARG A 259 -1.75 -16.39 13.59
CA ARG A 259 -1.34 -17.28 14.66
C ARG A 259 -2.45 -18.26 15.02
N GLN A 260 -3.70 -17.78 15.00
CA GLN A 260 -4.84 -18.61 15.33
C GLN A 260 -5.11 -19.63 14.24
N ARG A 261 -4.84 -19.25 12.99
CA ARG A 261 -5.04 -20.13 11.84
C ARG A 261 -4.08 -21.31 11.90
N LEU A 262 -2.85 -21.04 12.32
CA LEU A 262 -1.84 -22.08 12.41
C LEU A 262 -2.07 -23.00 13.61
N LEU A 263 -3.20 -22.80 14.29
CA LEU A 263 -3.54 -23.63 15.45
C LEU A 263 -4.51 -24.76 15.11
#